data_7CIO
#
_entry.id   7CIO
#
_cell.length_a   41.221
_cell.length_b   41.563
_cell.length_c   59.628
_cell.angle_alpha   90.000
_cell.angle_beta   90.000
_cell.angle_gamma   90.000
#
_symmetry.space_group_name_H-M   'P 21 21 21'
#
loop_
_entity.id
_entity.type
_entity.pdbx_description
1 polymer 'Phosphatidylinositol 3-kinase regulatory subunit alpha'
2 polymer 'Cytotoxic T-lymphocyte protein 4'
3 water water
#
loop_
_entity_poly.entity_id
_entity_poly.type
_entity_poly.pdbx_seq_one_letter_code
_entity_poly.pdbx_strand_id
1 'polypeptide(L)'
;GSEDLPHHDEKTWNVGSSNRNKAENLLRGKRDGTFLVRESSKQGSYAVSVVVDGEVKHLVINKTATGYGFAEPYNLYSSL
KELVLHYQHTSLVQHNDSLNVTLAYPVYA
;
A
2 'polypeptide(L)' GV(PTR)VKMPP B
#
# COMPACT_ATOMS: atom_id res chain seq x y z
N GLY A 1 0.68 20.93 8.25
CA GLY A 1 1.63 19.85 8.23
C GLY A 1 0.97 18.48 8.10
N SER A 2 1.84 17.47 8.02
CA SER A 2 1.41 16.11 7.77
C SER A 2 0.45 15.56 8.82
N GLU A 3 0.38 16.18 10.00
CA GLU A 3 -0.61 15.70 10.95
C GLU A 3 -2.03 15.82 10.39
N ASP A 4 -2.23 16.71 9.42
CA ASP A 4 -3.57 16.91 8.88
C ASP A 4 -4.01 15.82 7.91
N LEU A 5 -3.11 14.95 7.53
CA LEU A 5 -3.39 14.02 6.44
C LEU A 5 -4.51 13.04 6.85
N PRO A 6 -5.37 12.64 5.90
CA PRO A 6 -6.44 11.68 6.23
C PRO A 6 -5.88 10.31 6.58
N HIS A 7 -4.65 10.04 6.22
CA HIS A 7 -4.02 8.74 6.47
C HIS A 7 -4.02 8.40 7.95
N HIS A 8 -4.04 9.41 8.84
CA HIS A 8 -4.02 9.13 10.27
C HIS A 8 -5.29 8.47 10.76
N ASP A 9 -6.39 8.54 10.01
CA ASP A 9 -7.58 7.75 10.28
C ASP A 9 -7.47 6.49 9.43
N GLU A 10 -7.12 5.36 10.08
CA GLU A 10 -6.91 4.11 9.33
C GLU A 10 -8.13 3.70 8.53
N LYS A 11 -9.34 4.07 8.95
CA LYS A 11 -10.52 3.68 8.20
C LYS A 11 -10.66 4.40 6.87
N THR A 12 -9.82 5.37 6.56
CA THR A 12 -9.88 5.99 5.24
C THR A 12 -9.21 5.11 4.20
N TRP A 13 -8.36 4.14 4.62
CA TRP A 13 -7.65 3.32 3.64
C TRP A 13 -7.70 1.82 3.91
N ASN A 14 -7.97 1.37 5.14
CA ASN A 14 -7.93 -0.06 5.44
C ASN A 14 -9.32 -0.60 5.19
N VAL A 15 -9.46 -1.37 4.12
CA VAL A 15 -10.74 -1.95 3.74
C VAL A 15 -10.81 -3.44 4.12
N GLY A 16 -10.11 -3.84 5.19
CA GLY A 16 -10.41 -5.11 5.84
C GLY A 16 -10.04 -6.26 4.94
N SER A 17 -10.94 -7.25 4.83
CA SER A 17 -10.62 -8.44 4.05
C SER A 17 -11.15 -8.35 2.62
N SER A 18 -11.42 -7.15 2.10
CA SER A 18 -11.80 -6.97 0.70
C SER A 18 -10.82 -7.67 -0.24
N ASN A 19 -11.35 -8.29 -1.28
CA ASN A 19 -10.50 -9.02 -2.20
C ASN A 19 -10.00 -8.15 -3.36
N ARG A 20 -9.16 -8.73 -4.19
CA ARG A 20 -8.58 -8.00 -5.31
C ARG A 20 -9.63 -7.38 -6.23
N ASN A 21 -10.66 -8.12 -6.58
CA ASN A 21 -11.69 -7.59 -7.45
C ASN A 21 -12.42 -6.40 -6.84
N LYS A 22 -12.75 -6.48 -5.54
CA LYS A 22 -13.36 -5.36 -4.87
C LYS A 22 -12.42 -4.15 -4.86
N ALA A 23 -11.11 -4.38 -4.62
CA ALA A 23 -10.17 -3.28 -4.68
C ALA A 23 -10.16 -2.61 -6.06
N GLU A 24 -10.19 -3.42 -7.13
CA GLU A 24 -10.24 -2.83 -8.46
C GLU A 24 -11.51 -2.00 -8.66
N ASN A 25 -12.65 -2.47 -8.13
CA ASN A 25 -13.87 -1.67 -8.25
C ASN A 25 -13.77 -0.37 -7.45
N LEU A 26 -13.20 -0.43 -6.24
CA LEU A 26 -13.09 0.76 -5.42
C LEU A 26 -12.17 1.79 -6.05
N LEU A 27 -11.16 1.34 -6.78
CA LEU A 27 -10.14 2.24 -7.32
C LEU A 27 -10.37 2.63 -8.78
N ARG A 28 -11.33 2.01 -9.44
CA ARG A 28 -11.57 2.29 -10.85
C ARG A 28 -11.87 3.78 -11.05
N GLY A 29 -11.15 4.41 -11.99
CA GLY A 29 -11.36 5.81 -12.31
C GLY A 29 -10.68 6.79 -11.37
N LYS A 30 -10.04 6.32 -10.30
CA LYS A 30 -9.50 7.24 -9.31
C LYS A 30 -8.15 7.79 -9.77
N ARG A 31 -7.77 8.95 -9.20
CA ARG A 31 -6.53 9.57 -9.58
C ARG A 31 -5.31 8.76 -9.12
N ASP A 32 -4.20 9.00 -9.80
CA ASP A 32 -2.95 8.33 -9.45
C ASP A 32 -2.60 8.60 -7.99
N GLY A 33 -2.15 7.56 -7.31
CA GLY A 33 -1.83 7.66 -5.91
C GLY A 33 -2.97 7.34 -4.97
N THR A 34 -4.19 7.11 -5.51
CA THR A 34 -5.27 6.63 -4.64
C THR A 34 -4.95 5.19 -4.28
N PHE A 35 -5.19 4.83 -3.03
CA PHE A 35 -4.77 3.54 -2.53
C PHE A 35 -5.68 3.02 -1.43
N LEU A 36 -5.49 1.75 -1.16
CA LEU A 36 -6.09 1.05 -0.04
C LEU A 36 -5.16 -0.04 0.43
N VAL A 37 -5.45 -0.54 1.64
CA VAL A 37 -4.82 -1.72 2.20
C VAL A 37 -5.92 -2.73 2.52
N ARG A 38 -5.62 -3.99 2.27
CA ARG A 38 -6.59 -5.04 2.46
C ARG A 38 -5.87 -6.34 2.70
N GLU A 39 -6.60 -7.34 3.17
CA GLU A 39 -6.02 -8.67 3.22
C GLU A 39 -5.78 -9.21 1.81
N SER A 40 -4.70 -9.97 1.68
CA SER A 40 -4.38 -10.68 0.45
C SER A 40 -5.11 -12.02 0.39
N SER A 41 -5.26 -12.53 -0.85
CA SER A 41 -5.69 -13.90 -1.02
C SER A 41 -4.67 -14.86 -0.43
N LYS A 42 -3.43 -14.43 -0.23
CA LYS A 42 -2.45 -15.23 0.50
C LYS A 42 -2.79 -15.07 1.98
N GLN A 43 -3.35 -16.11 2.58
CA GLN A 43 -3.91 -15.99 3.93
C GLN A 43 -2.85 -15.53 4.90
N GLY A 44 -3.23 -14.55 5.74
CA GLY A 44 -2.37 -14.01 6.73
C GLY A 44 -1.51 -12.85 6.25
N SER A 45 -1.53 -12.55 4.95
CA SER A 45 -0.79 -11.42 4.40
C SER A 45 -1.73 -10.29 4.02
N TYR A 46 -1.19 -9.07 4.00
CA TYR A 46 -1.90 -7.91 3.50
C TYR A 46 -1.40 -7.53 2.10
N ALA A 47 -2.14 -6.62 1.46
CA ALA A 47 -1.75 -6.10 0.16
C ALA A 47 -2.10 -4.62 0.14
N VAL A 48 -1.32 -3.88 -0.65
CA VAL A 48 -1.71 -2.53 -1.05
C VAL A 48 -2.20 -2.61 -2.47
N SER A 49 -3.28 -1.88 -2.75
CA SER A 49 -3.73 -1.66 -4.11
C SER A 49 -3.64 -0.16 -4.33
N VAL A 50 -2.92 0.27 -5.39
CA VAL A 50 -2.67 1.69 -5.61
C VAL A 50 -2.72 1.97 -7.10
N VAL A 51 -3.26 3.13 -7.47
CA VAL A 51 -3.33 3.54 -8.86
C VAL A 51 -2.01 4.19 -9.27
N VAL A 52 -1.40 3.64 -10.35
CA VAL A 52 -0.17 4.17 -10.91
C VAL A 52 -0.41 4.30 -12.40
N ASP A 53 -0.19 5.49 -12.97
CA ASP A 53 -0.36 5.69 -14.40
C ASP A 53 -1.70 5.15 -14.87
N GLY A 54 -2.74 5.42 -14.10
CA GLY A 54 -4.09 5.05 -14.46
C GLY A 54 -4.42 3.57 -14.34
N GLU A 55 -3.59 2.77 -13.70
CA GLU A 55 -3.81 1.34 -13.58
C GLU A 55 -3.63 0.92 -12.13
N VAL A 56 -4.45 -0.03 -11.67
CA VAL A 56 -4.26 -0.53 -10.32
C VAL A 56 -3.10 -1.51 -10.26
N LYS A 57 -2.22 -1.29 -9.30
CA LYS A 57 -1.12 -2.18 -9.00
C LYS A 57 -1.38 -2.78 -7.63
N HIS A 58 -1.06 -4.06 -7.48
CA HIS A 58 -1.23 -4.78 -6.23
C HIS A 58 0.14 -5.20 -5.73
N LEU A 59 0.41 -4.93 -4.46
CA LEU A 59 1.71 -5.17 -3.82
C LEU A 59 1.46 -6.00 -2.57
N VAL A 60 2.23 -7.03 -2.35
CA VAL A 60 2.10 -7.79 -1.11
C VAL A 60 2.86 -7.08 -0.01
N ILE A 61 2.29 -7.09 1.17
CA ILE A 61 2.98 -6.65 2.37
C ILE A 61 3.52 -7.88 3.11
N ASN A 62 4.82 -7.88 3.36
CA ASN A 62 5.49 -8.90 4.16
C ASN A 62 5.40 -8.55 5.62
N LYS A 63 5.45 -9.57 6.45
CA LYS A 63 5.54 -9.36 7.87
C LYS A 63 6.70 -10.21 8.38
N THR A 64 7.71 -9.56 8.96
CA THR A 64 8.84 -10.20 9.58
C THR A 64 8.87 -9.82 11.05
N ALA A 65 9.84 -10.38 11.76
CA ALA A 65 10.01 -10.02 13.16
C ALA A 65 10.34 -8.54 13.33
N THR A 66 10.89 -7.89 12.31
CA THR A 66 11.17 -6.48 12.45
C THR A 66 9.98 -5.62 12.04
N GLY A 67 8.94 -6.20 11.43
CA GLY A 67 7.79 -5.40 11.05
C GLY A 67 7.26 -5.74 9.66
N TYR A 68 6.30 -4.92 9.25
CA TYR A 68 5.70 -4.98 7.93
C TYR A 68 6.53 -4.20 6.93
N GLY A 69 6.49 -4.64 5.67
CA GLY A 69 7.09 -3.85 4.61
C GLY A 69 6.95 -4.57 3.29
N PHE A 70 7.52 -3.97 2.26
CA PHE A 70 7.42 -4.51 0.91
C PHE A 70 8.57 -5.42 0.50
N ALA A 71 9.72 -5.27 1.14
CA ALA A 71 10.91 -6.01 0.77
C ALA A 71 11.99 -5.69 1.79
N GLU A 72 12.91 -6.64 1.97
CA GLU A 72 14.11 -6.38 2.75
C GLU A 72 14.93 -5.30 2.04
N PRO A 73 15.60 -4.42 2.79
CA PRO A 73 15.73 -4.31 4.24
C PRO A 73 14.74 -3.30 4.83
N TYR A 74 13.51 -3.24 4.29
CA TYR A 74 12.52 -2.25 4.65
CA TYR A 74 12.58 -2.22 4.74
C TYR A 74 11.33 -2.85 5.36
N ASN A 75 11.47 -4.05 5.90
CA ASN A 75 10.37 -4.66 6.65
C ASN A 75 10.45 -4.18 8.10
N LEU A 76 10.13 -2.91 8.29
CA LEU A 76 10.49 -2.16 9.50
C LEU A 76 9.29 -1.72 10.30
N TYR A 77 8.10 -1.77 9.75
CA TYR A 77 7.02 -0.93 10.26
C TYR A 77 6.19 -1.74 11.23
N SER A 78 5.91 -1.16 12.39
CA SER A 78 5.28 -1.93 13.47
C SER A 78 3.79 -2.14 13.23
N SER A 79 3.20 -1.42 12.30
CA SER A 79 1.79 -1.51 12.01
C SER A 79 1.59 -1.11 10.56
N LEU A 80 0.38 -1.42 10.08
CA LEU A 80 -0.03 -0.95 8.77
C LEU A 80 -0.03 0.57 8.72
N LYS A 81 -0.49 1.21 9.79
CA LYS A 81 -0.53 2.67 9.84
C LYS A 81 0.88 3.26 9.67
N GLU A 82 1.87 2.72 10.38
CA GLU A 82 3.22 3.26 10.23
CA GLU A 82 3.23 3.25 10.24
C GLU A 82 3.74 3.05 8.81
N LEU A 83 3.44 1.90 8.21
CA LEU A 83 3.83 1.65 6.82
CA LEU A 83 3.84 1.64 6.82
C LEU A 83 3.21 2.69 5.89
N VAL A 84 1.91 2.90 5.99
CA VAL A 84 1.21 3.84 5.14
C VAL A 84 1.75 5.25 5.32
N LEU A 85 1.94 5.67 6.57
CA LEU A 85 2.47 7.02 6.78
C LEU A 85 3.87 7.16 6.18
N HIS A 86 4.69 6.11 6.25
CA HIS A 86 6.02 6.22 5.68
C HIS A 86 5.94 6.39 4.15
N TYR A 87 5.12 5.57 3.48
CA TYR A 87 5.02 5.62 2.04
C TYR A 87 4.07 6.70 1.52
N GLN A 88 3.47 7.49 2.40
CA GLN A 88 2.85 8.73 1.96
C GLN A 88 3.92 9.74 1.58
N HIS A 89 5.14 9.64 2.11
CA HIS A 89 6.20 10.60 1.79
C HIS A 89 7.43 9.91 1.25
N THR A 90 7.38 8.64 0.94
CA THR A 90 8.48 7.90 0.35
C THR A 90 7.89 7.23 -0.89
N SER A 91 8.43 7.52 -2.06
CA SER A 91 7.96 6.85 -3.27
C SER A 91 8.27 5.36 -3.21
N LEU A 92 7.36 4.58 -3.79
CA LEU A 92 7.55 3.13 -3.92
CA LEU A 92 7.59 3.14 -3.89
C LEU A 92 8.60 2.78 -4.97
N VAL A 93 9.15 3.77 -5.68
CA VAL A 93 10.05 3.51 -6.79
C VAL A 93 11.32 2.81 -6.33
N GLN A 94 11.71 3.00 -5.07
CA GLN A 94 12.92 2.34 -4.58
C GLN A 94 12.79 0.84 -4.69
N HIS A 95 11.55 0.35 -4.67
CA HIS A 95 11.26 -1.07 -4.73
C HIS A 95 11.09 -1.59 -6.16
N ASN A 96 10.57 -0.78 -7.08
CA ASN A 96 10.34 -1.20 -8.47
C ASN A 96 10.14 0.05 -9.29
N ASP A 97 10.85 0.16 -10.41
CA ASP A 97 10.83 1.38 -11.22
C ASP A 97 9.44 1.73 -11.76
N SER A 98 8.52 0.76 -11.85
CA SER A 98 7.16 1.00 -12.33
C SER A 98 6.23 1.53 -11.26
N LEU A 99 6.73 1.75 -10.03
CA LEU A 99 5.86 2.17 -8.93
C LEU A 99 6.26 3.55 -8.42
N ASN A 100 6.41 4.51 -9.34
CA ASN A 100 6.86 5.83 -8.89
C ASN A 100 5.67 6.68 -8.46
N VAL A 101 5.17 6.36 -7.27
CA VAL A 101 4.01 7.01 -6.69
C VAL A 101 4.20 6.89 -5.20
N THR A 102 3.55 7.76 -4.44
CA THR A 102 3.37 7.60 -3.01
C THR A 102 1.95 7.11 -2.76
N LEU A 103 1.71 6.69 -1.51
CA LEU A 103 0.34 6.36 -1.04
C LEU A 103 -0.31 7.69 -0.68
N ALA A 104 -0.82 8.37 -1.72
CA ALA A 104 -1.17 9.78 -1.63
C ALA A 104 -2.59 10.04 -1.13
N TYR A 105 -3.57 9.25 -1.60
CA TYR A 105 -4.99 9.55 -1.43
C TYR A 105 -5.70 8.30 -0.92
N PRO A 106 -5.97 8.21 0.37
CA PRO A 106 -6.76 7.06 0.88
C PRO A 106 -8.07 6.99 0.11
N VAL A 107 -8.50 5.76 -0.23
CA VAL A 107 -9.71 5.63 -1.04
C VAL A 107 -10.94 6.29 -0.44
N TYR A 108 -11.06 6.30 0.89
CA TYR A 108 -12.22 6.87 1.57
C TYR A 108 -11.89 8.20 2.24
N ALA A 109 -10.87 8.90 1.79
CA ALA A 109 -10.59 10.23 2.30
C ALA A 109 -11.59 11.22 1.77
N GLY B 1 -3.45 -13.64 -6.84
CA GLY B 1 -3.21 -12.97 -8.11
C GLY B 1 -1.76 -12.55 -8.33
N VAL B 2 -1.51 -11.85 -9.43
CA VAL B 2 -0.17 -11.32 -9.73
C VAL B 2 0.12 -10.07 -8.93
N PTR B 3 1.22 -10.10 -8.19
CA PTR B 3 1.73 -8.95 -7.43
C PTR B 3 3.00 -8.41 -8.07
O PTR B 3 3.80 -9.15 -8.59
CB PTR B 3 1.93 -9.29 -5.95
CG PTR B 3 0.64 -9.65 -5.25
CD1 PTR B 3 0.24 -10.98 -5.09
CD2 PTR B 3 -0.15 -8.66 -4.73
CE1 PTR B 3 -0.91 -11.30 -4.42
CE2 PTR B 3 -1.30 -8.98 -4.07
CZ PTR B 3 -1.69 -10.28 -3.94
OH PTR B 3 -2.81 -10.59 -3.29
P PTR B 3 -4.26 -10.73 -4.04
O1P PTR B 3 -4.26 -12.04 -4.74
O2P PTR B 3 -5.31 -10.67 -2.90
O3P PTR B 3 -4.38 -9.56 -5.00
N VAL B 4 3.21 -7.12 -7.94
CA VAL B 4 4.38 -6.49 -8.48
C VAL B 4 5.58 -6.96 -7.68
N LYS B 5 6.62 -7.38 -8.38
CA LYS B 5 7.79 -7.90 -7.68
C LYS B 5 8.60 -6.75 -7.11
N MET B 6 9.04 -6.94 -5.88
CA MET B 6 9.76 -5.92 -5.14
CA MET B 6 9.77 -5.90 -5.16
C MET B 6 11.04 -6.60 -4.66
N PRO B 7 12.10 -6.58 -5.46
CA PRO B 7 13.30 -7.32 -5.07
C PRO B 7 13.92 -6.76 -3.82
N PRO B 8 14.60 -7.59 -3.04
CA PRO B 8 15.31 -7.09 -1.85
C PRO B 8 16.40 -6.07 -2.21
#